data_3PLF
#
_entry.id   3PLF
#
_cell.length_a   52.743
_cell.length_b   104.483
_cell.length_c   60.548
_cell.angle_alpha   90.00
_cell.angle_beta   90.19
_cell.angle_gamma   90.00
#
_symmetry.space_group_name_H-M   'P 1 21 1'
#
loop_
_entity.id
_entity.type
_entity.pdbx_description
1 polymer 'MetRD peptide'
2 polymer 'E3 ubiquitin-protein ligase CBL'
3 non-polymer 'CALCIUM ION'
4 non-polymer 'CHLORIDE ION'
5 water water
#
loop_
_entity_poly.entity_id
_entity_poly.type
_entity_poly.pdbx_seq_one_letter_code
_entity_poly.pdbx_strand_id
1 'polypeptide(L)' NESVR(PTR)DATFP A,C
2 'polypeptide(L)'
;GSLIGLMKDAFQPHHHHHHHLSPHPPGTVDKKMVEKCWKLMDKVVRLCQNPKLALKNSPPYILDLLPDTYQHLRTILSRY
EGKMETLGENEYFRVFMENLMKKTKQTISLFKEGKERMYEENSQPRRNLTKLSLIFSHMLAELKGIFPSGLFQGDTFRIT
KADAAEFWRKAFGEKTIVPWKSFRQALHEVHPISSGLEAMALKSTIDLTCNDYISVFEFDIFTRLFQPWSSLLRNWNSLA
VTHPGYMAFLTYDEVKARLQKFIHKPGSYIFRLSCTRLGQWAIGYVTADGNILQTIPHNKPLFQALIDGFREGFYLFPDG
RNQNPDLTG
;
B,D
#
loop_
_chem_comp.id
_chem_comp.type
_chem_comp.name
_chem_comp.formula
CA non-polymer 'CALCIUM ION' 'Ca 2'
CL non-polymer 'CHLORIDE ION' 'Cl -1'
#
# COMPACT_ATOMS: atom_id res chain seq x y z
N ARG A 5 21.55 -6.34 23.42
CA ARG A 5 20.50 -6.11 22.46
C ARG A 5 21.19 -5.97 21.15
N PTR A 6 21.81 -4.82 20.91
CA PTR A 6 22.65 -4.68 19.76
C PTR A 6 24.09 -4.93 20.17
O PTR A 6 24.59 -4.28 21.07
CB PTR A 6 22.45 -3.31 19.12
CG PTR A 6 21.05 -3.10 18.53
CD1 PTR A 6 20.55 -3.91 17.48
CD2 PTR A 6 20.18 -2.15 19.08
CE1 PTR A 6 19.24 -3.73 16.97
CE2 PTR A 6 18.88 -1.96 18.59
CZ PTR A 6 18.41 -2.75 17.53
OH PTR A 6 17.26 -2.61 17.03
P PTR A 6 16.07 -1.68 17.61
O1P PTR A 6 15.70 -2.08 18.97
O2P PTR A 6 14.81 -1.83 16.79
O3P PTR A 6 16.48 -0.23 17.59
N ASP A 7 24.79 -5.85 19.55
CA ASP A 7 26.18 -6.00 19.97
C ASP A 7 27.10 -5.39 18.95
N ALA A 8 28.39 -5.62 19.07
CA ALA A 8 29.36 -5.02 18.15
C ALA A 8 29.40 -5.70 16.80
N GLY B 27 -6.89 20.33 10.03
CA GLY B 27 -8.07 20.65 10.91
C GLY B 27 -7.68 21.03 12.34
N THR B 28 -8.10 22.23 12.77
CA THR B 28 -7.84 22.78 14.12
C THR B 28 -7.97 21.77 15.26
N VAL B 29 -7.09 21.88 16.24
CA VAL B 29 -7.10 21.01 17.41
C VAL B 29 -7.35 21.81 18.68
N ASP B 30 -8.29 21.36 19.50
CA ASP B 30 -8.51 21.95 20.84
C ASP B 30 -8.24 20.94 21.96
N LYS B 31 -8.40 21.37 23.22
CA LYS B 31 -8.21 20.50 24.40
C LYS B 31 -9.07 19.23 24.34
N LYS B 32 -10.31 19.41 23.91
CA LYS B 32 -11.30 18.37 23.69
C LYS B 32 -10.93 17.22 22.69
N MET B 33 -10.37 17.54 21.52
CA MET B 33 -9.97 16.48 20.58
C MET B 33 -8.79 15.70 21.14
N VAL B 34 -7.89 16.37 21.84
CA VAL B 34 -6.80 15.73 22.61
C VAL B 34 -7.32 14.75 23.68
N GLU B 35 -8.29 15.22 24.46
CA GLU B 35 -8.91 14.37 25.46
C GLU B 35 -9.58 13.16 24.82
N LYS B 36 -10.29 13.37 23.72
CA LYS B 36 -10.85 12.26 22.95
C LYS B 36 -9.76 11.27 22.42
N CYS B 37 -8.64 11.82 21.94
CA CYS B 37 -7.53 10.96 21.55
C CYS B 37 -6.98 10.21 22.76
N TRP B 38 -6.79 10.90 23.87
CA TRP B 38 -6.34 10.22 25.09
C TRP B 38 -7.21 9.05 25.50
N LYS B 39 -8.53 9.21 25.40
CA LYS B 39 -9.42 8.11 25.71
C LYS B 39 -9.28 6.94 24.77
N LEU B 40 -9.07 7.22 23.47
CA LEU B 40 -8.88 6.14 22.50
C LEU B 40 -7.57 5.42 22.75
N MET B 41 -6.52 6.17 23.05
CA MET B 41 -5.24 5.59 23.44
C MET B 41 -5.41 4.67 24.66
N ASP B 42 -6.12 5.13 25.69
CA ASP B 42 -6.30 4.26 26.89
C ASP B 42 -6.99 2.96 26.55
N LYS B 43 -7.96 3.04 25.64
CA LYS B 43 -8.68 1.84 25.23
C LYS B 43 -7.75 0.85 24.51
N VAL B 44 -6.87 1.34 23.65
CA VAL B 44 -5.91 0.49 22.96
C VAL B 44 -5.02 -0.18 24.01
N VAL B 45 -4.60 0.58 24.99
CA VAL B 45 -3.74 0.05 26.00
C VAL B 45 -4.50 -1.06 26.74
N ARG B 46 -5.80 -0.86 27.08
CA ARG B 46 -6.54 -1.93 27.75
C ARG B 46 -6.63 -3.23 26.94
N LEU B 47 -6.84 -3.11 25.64
CA LEU B 47 -6.87 -4.25 24.71
C LEU B 47 -5.52 -4.93 24.65
N CYS B 48 -4.46 -4.14 24.58
CA CYS B 48 -3.13 -4.69 24.48
C CYS B 48 -2.62 -5.28 25.77
N GLN B 49 -3.37 -5.14 26.85
CA GLN B 49 -2.97 -5.69 28.16
C GLN B 49 -3.46 -7.11 28.39
N ASN B 50 -4.40 -7.58 27.57
CA ASN B 50 -4.86 -8.98 27.63
C ASN B 50 -3.71 -9.99 27.74
N PRO B 51 -3.68 -10.83 28.80
CA PRO B 51 -2.53 -11.74 28.95
C PRO B 51 -2.36 -12.73 27.77
N LYS B 52 -3.44 -13.04 27.06
CA LYS B 52 -3.36 -13.95 25.89
C LYS B 52 -2.50 -13.44 24.74
N LEU B 53 -2.38 -12.12 24.62
CA LEU B 53 -1.49 -11.55 23.64
C LEU B 53 -0.05 -11.80 24.00
N ALA B 54 0.23 -11.74 25.29
CA ALA B 54 1.58 -12.01 25.76
C ALA B 54 2.62 -11.06 25.12
N LEU B 55 2.32 -9.77 25.04
CA LEU B 55 3.28 -8.84 24.43
C LEU B 55 4.62 -8.89 25.15
N LYS B 56 5.72 -8.90 24.41
CA LYS B 56 7.04 -8.86 25.01
C LYS B 56 7.44 -7.42 25.27
N ASN B 57 8.06 -7.18 26.41
CA ASN B 57 8.50 -5.85 26.74
C ASN B 57 9.81 -5.58 25.99
N SER B 58 9.68 -5.14 24.75
CA SER B 58 10.81 -4.89 23.91
C SER B 58 10.37 -4.01 22.73
N PRO B 59 11.18 -3.00 22.42
CA PRO B 59 10.76 -2.01 21.46
C PRO B 59 10.48 -2.65 20.11
N PRO B 60 9.36 -2.27 19.47
CA PRO B 60 8.42 -1.27 19.95
C PRO B 60 7.41 -1.93 20.87
N TYR B 61 7.13 -1.30 22.02
CA TYR B 61 6.28 -1.94 22.99
C TYR B 61 5.09 -1.02 23.18
N ILE B 62 3.98 -1.37 22.58
CA ILE B 62 2.79 -0.50 22.62
C ILE B 62 2.32 -0.10 24.00
N LEU B 63 2.52 -1.00 24.99
CA LEU B 63 2.15 -0.72 26.37
C LEU B 63 2.91 0.44 27.03
N ASP B 64 4.14 0.70 26.58
CA ASP B 64 4.87 1.91 26.96
C ASP B 64 4.71 3.05 25.94
N LEU B 65 4.68 2.76 24.66
CA LEU B 65 4.56 3.83 23.63
C LEU B 65 3.35 4.75 23.83
N LEU B 66 2.15 4.18 23.98
CA LEU B 66 0.95 5.01 24.11
C LEU B 66 1.00 5.93 25.35
N PRO B 67 1.29 5.39 26.59
CA PRO B 67 1.38 6.21 27.79
C PRO B 67 2.48 7.28 27.60
N ASP B 68 3.57 6.88 26.95
CA ASP B 68 4.63 7.85 26.65
C ASP B 68 4.17 8.93 25.70
N THR B 69 3.33 8.59 24.72
CA THR B 69 2.81 9.62 23.80
C THR B 69 1.85 10.54 24.57
N TYR B 70 1.01 9.96 25.41
CA TYR B 70 0.09 10.76 26.27
C TYR B 70 0.94 11.73 27.12
N GLN B 71 2.01 11.24 27.73
CA GLN B 71 2.85 12.10 28.57
C GLN B 71 3.46 13.25 27.77
N HIS B 72 3.95 12.97 26.58
CA HIS B 72 4.57 14.05 25.83
C HIS B 72 3.54 15.03 25.36
N LEU B 73 2.32 14.52 25.08
CA LEU B 73 1.19 15.44 24.72
C LEU B 73 0.85 16.36 25.87
N ARG B 74 0.84 15.84 27.08
CA ARG B 74 0.72 16.68 28.29
C ARG B 74 1.83 17.77 28.40
N THR B 75 3.07 17.40 28.17
CA THR B 75 4.15 18.37 28.13
C THR B 75 3.91 19.45 27.12
N ILE B 76 3.50 19.07 25.92
CA ILE B 76 3.17 20.07 24.90
C ILE B 76 2.05 21.02 25.36
N LEU B 77 0.92 20.47 25.78
CA LEU B 77 -0.18 21.26 26.27
C LEU B 77 0.27 22.24 27.36
N SER B 78 1.08 21.73 28.28
CA SER B 78 1.63 22.55 29.34
C SER B 78 2.37 23.74 28.77
N ARG B 79 3.25 23.50 27.77
CA ARG B 79 4.03 24.58 27.16
C ARG B 79 3.16 25.58 26.42
N TYR B 80 1.94 25.18 26.07
CA TYR B 80 1.06 26.09 25.35
C TYR B 80 -0.12 26.67 26.13
N GLU B 81 -0.02 26.64 27.45
CA GLU B 81 -1.08 27.16 28.26
C GLU B 81 -1.26 28.64 28.03
N GLY B 82 -2.50 29.04 27.80
CA GLY B 82 -2.79 30.41 27.49
C GLY B 82 -2.45 30.77 26.05
N LYS B 83 -1.96 29.80 25.27
CA LYS B 83 -1.71 30.06 23.85
C LYS B 83 -2.09 28.84 23.01
N MET B 84 -3.21 28.24 23.41
CA MET B 84 -3.77 27.06 22.77
C MET B 84 -4.20 27.34 21.37
N GLU B 85 -4.55 28.60 21.13
CA GLU B 85 -4.91 29.08 19.81
C GLU B 85 -3.79 28.83 18.81
N THR B 86 -2.57 29.26 19.16
CA THR B 86 -1.34 28.96 18.41
C THR B 86 -1.12 27.45 18.16
N LEU B 87 -1.29 26.62 19.18
CA LEU B 87 -1.10 25.17 19.07
C LEU B 87 -2.10 24.53 18.11
N GLY B 88 -3.37 24.88 18.28
CA GLY B 88 -4.45 24.40 17.47
C GLY B 88 -4.35 24.67 15.99
N GLU B 89 -3.64 25.73 15.61
CA GLU B 89 -3.42 26.12 14.21
C GLU B 89 -2.14 25.53 13.56
N ASN B 90 -1.30 24.90 14.36
CA ASN B 90 -0.02 24.41 13.86
C ASN B 90 -0.34 23.26 12.93
N GLU B 91 0.16 23.37 11.69
CA GLU B 91 -0.13 22.45 10.59
C GLU B 91 0.30 21.05 11.01
N TYR B 92 1.55 20.94 11.43
CA TYR B 92 2.06 19.61 11.87
C TYR B 92 1.24 19.01 12.98
N PHE B 93 0.94 19.81 14.00
CA PHE B 93 0.21 19.25 15.15
C PHE B 93 -1.17 18.77 14.74
N ARG B 94 -1.85 19.51 13.86
CA ARG B 94 -3.18 19.08 13.38
C ARG B 94 -3.07 17.74 12.64
N VAL B 95 -2.09 17.59 11.77
CA VAL B 95 -1.88 16.34 11.04
C VAL B 95 -1.55 15.21 12.02
N PHE B 96 -0.67 15.50 12.97
CA PHE B 96 -0.31 14.49 13.93
C PHE B 96 -1.52 13.96 14.70
N MET B 97 -2.33 14.86 15.23
CA MET B 97 -3.50 14.47 16.01
C MET B 97 -4.52 13.73 15.16
N GLU B 98 -4.77 14.21 13.95
CA GLU B 98 -5.65 13.50 13.06
C GLU B 98 -5.15 12.05 12.87
N ASN B 99 -3.86 11.90 12.66
CA ASN B 99 -3.31 10.57 12.45
C ASN B 99 -3.38 9.71 13.71
N LEU B 100 -3.14 10.33 14.87
CA LEU B 100 -3.18 9.59 16.15
C LEU B 100 -4.57 9.00 16.36
N MET B 101 -5.58 9.80 16.03
CA MET B 101 -6.97 9.35 16.13
C MET B 101 -7.24 8.21 15.12
N LYS B 102 -6.79 8.39 13.91
CA LYS B 102 -6.99 7.36 12.90
C LYS B 102 -6.31 6.02 13.27
N LYS B 103 -5.05 6.09 13.68
CA LYS B 103 -4.28 4.90 14.05
C LYS B 103 -4.84 4.16 15.26
N THR B 104 -5.27 4.91 16.27
CA THR B 104 -5.95 4.33 17.48
C THR B 104 -7.28 3.67 17.13
N LYS B 105 -8.12 4.38 16.37
CA LYS B 105 -9.34 3.74 15.82
C LYS B 105 -9.07 2.48 14.96
N GLN B 106 -8.05 2.56 14.10
CA GLN B 106 -7.64 1.42 13.29
C GLN B 106 -7.28 0.25 14.21
N THR B 107 -6.55 0.52 15.28
CA THR B 107 -6.09 -0.59 16.17
C THR B 107 -7.29 -1.17 16.88
N ILE B 108 -8.20 -0.30 17.33
CA ILE B 108 -9.45 -0.84 17.93
C ILE B 108 -10.28 -1.70 16.96
N SER B 109 -10.43 -1.25 15.73
CA SER B 109 -11.12 -1.98 14.69
C SER B 109 -10.40 -3.31 14.40
N LEU B 110 -9.09 -3.30 14.46
CA LEU B 110 -8.30 -4.50 14.27
C LEU B 110 -8.61 -5.59 15.30
N PHE B 111 -8.61 -5.25 16.57
CA PHE B 111 -9.06 -6.20 17.59
C PHE B 111 -10.50 -6.67 17.35
N LYS B 112 -11.38 -5.76 16.97
CA LYS B 112 -12.80 -6.15 16.85
C LYS B 112 -12.99 -7.15 15.71
N GLU B 113 -12.27 -6.94 14.61
CA GLU B 113 -12.40 -7.79 13.43
C GLU B 113 -11.57 -9.05 13.47
N GLY B 114 -10.48 -9.02 14.23
CA GLY B 114 -9.57 -10.16 14.32
C GLY B 114 -10.00 -11.19 15.35
N LYS B 115 -10.60 -10.74 16.46
CA LYS B 115 -11.06 -11.60 17.54
C LYS B 115 -9.93 -12.50 18.06
N GLU B 116 -10.19 -13.82 18.17
CA GLU B 116 -9.17 -14.74 18.67
C GLU B 116 -7.94 -14.84 17.82
N ARG B 117 -8.05 -14.46 16.54
CA ARG B 117 -6.88 -14.47 15.66
C ARG B 117 -5.76 -13.55 16.17
N MET B 118 -6.09 -12.58 17.01
CA MET B 118 -5.05 -11.67 17.57
C MET B 118 -4.09 -12.44 18.47
N TYR B 119 -4.52 -13.61 18.94
CA TYR B 119 -3.76 -14.34 19.96
C TYR B 119 -2.90 -15.45 19.40
N GLU B 120 -3.04 -15.70 18.10
CA GLU B 120 -2.14 -16.61 17.40
C GLU B 120 -0.95 -15.76 16.90
N GLU B 121 0.21 -15.91 17.53
CA GLU B 121 1.38 -15.24 17.00
C GLU B 121 1.40 -15.77 15.58
N ASN B 122 2.05 -15.11 14.68
CA ASN B 122 2.09 -15.60 13.29
C ASN B 122 0.79 -15.43 12.48
N SER B 123 -0.31 -14.99 13.09
CA SER B 123 -1.53 -14.67 12.36
C SER B 123 -1.41 -13.31 11.67
N GLN B 124 -2.19 -13.11 10.60
CA GLN B 124 -2.07 -11.89 9.85
C GLN B 124 -2.55 -10.67 10.66
N PRO B 125 -3.62 -10.86 11.43
CA PRO B 125 -4.05 -9.77 12.28
C PRO B 125 -3.04 -9.42 13.39
N ARG B 126 -2.38 -10.41 13.95
CA ARG B 126 -1.34 -10.10 14.93
C ARG B 126 -0.19 -9.37 14.25
N ARG B 127 0.16 -9.80 13.03
CA ARG B 127 1.23 -9.06 12.31
C ARG B 127 0.82 -7.59 12.10
N ASN B 128 -0.46 -7.38 11.81
CA ASN B 128 -0.98 -6.03 11.63
C ASN B 128 -0.81 -5.22 12.89
N LEU B 129 -1.01 -5.85 14.04
CA LEU B 129 -0.76 -5.15 15.31
C LEU B 129 0.72 -4.80 15.52
N THR B 130 1.61 -5.71 15.18
CA THR B 130 3.03 -5.45 15.31
C THR B 130 3.40 -4.25 14.41
N LYS B 131 2.85 -4.20 13.21
CA LYS B 131 3.22 -3.08 12.33
C LYS B 131 2.67 -1.80 12.94
N LEU B 132 1.46 -1.84 13.45
CA LEU B 132 0.94 -0.68 14.14
C LEU B 132 1.82 -0.23 15.29
N SER B 133 2.29 -1.20 16.07
CA SER B 133 3.17 -0.87 17.20
C SER B 133 4.39 -0.10 16.70
N LEU B 134 4.93 -0.50 15.58
CA LEU B 134 6.10 0.22 15.01
C LEU B 134 5.67 1.62 14.59
N ILE B 135 4.50 1.74 13.96
CA ILE B 135 4.00 3.05 13.55
C ILE B 135 3.82 4.00 14.74
N PHE B 136 3.27 3.53 15.85
CA PHE B 136 3.19 4.34 17.06
C PHE B 136 4.58 4.71 17.55
N SER B 137 5.54 3.81 17.41
CA SER B 137 6.92 4.15 17.77
C SER B 137 7.45 5.29 16.91
N HIS B 138 7.24 5.20 15.58
CA HIS B 138 7.75 6.23 14.70
C HIS B 138 7.05 7.55 14.99
N MET B 139 5.76 7.49 15.25
CA MET B 139 4.95 8.67 15.56
C MET B 139 5.46 9.36 16.79
N LEU B 140 5.72 8.62 17.86
CA LEU B 140 6.29 9.27 19.07
C LEU B 140 7.66 9.89 18.80
N ALA B 141 8.54 9.18 18.07
CA ALA B 141 9.86 9.73 17.76
C ALA B 141 9.72 11.01 16.95
N GLU B 142 8.79 11.01 15.99
CA GLU B 142 8.50 12.24 15.24
C GLU B 142 8.03 13.39 16.11
N LEU B 143 6.98 13.16 16.94
CA LEU B 143 6.48 14.18 17.83
C LEU B 143 7.59 14.75 18.70
N LYS B 144 8.45 13.89 19.26
CA LYS B 144 9.53 14.37 20.10
C LYS B 144 10.57 15.14 19.30
N GLY B 145 10.77 14.76 18.06
CA GLY B 145 11.72 15.50 17.23
C GLY B 145 11.22 16.89 16.87
N ILE B 146 9.92 17.00 16.63
CA ILE B 146 9.34 18.28 16.24
C ILE B 146 8.95 19.14 17.44
N PHE B 147 8.61 18.53 18.55
CA PHE B 147 8.35 19.31 19.82
C PHE B 147 9.32 18.88 20.92
N PRO B 148 10.61 19.15 20.74
CA PRO B 148 11.53 18.79 21.77
C PRO B 148 11.22 19.72 22.95
N SER B 149 11.18 19.14 24.13
CA SER B 149 10.84 19.90 25.34
C SER B 149 9.37 20.44 25.32
N GLY B 150 8.57 20.09 24.31
CA GLY B 150 7.16 20.40 24.34
C GLY B 150 6.78 21.64 23.55
N LEU B 151 7.79 22.38 23.09
CA LEU B 151 7.59 23.57 22.22
C LEU B 151 7.85 23.22 20.78
N PHE B 152 7.05 23.77 19.85
CA PHE B 152 7.23 23.48 18.43
C PHE B 152 8.56 24.01 17.92
N GLN B 153 9.34 23.21 17.22
CA GLN B 153 10.61 23.68 16.65
C GLN B 153 10.76 23.11 15.25
N GLY B 154 9.64 22.83 14.61
CA GLY B 154 9.65 22.21 13.28
C GLY B 154 10.28 23.14 12.26
N ASP B 155 9.95 24.43 12.38
CA ASP B 155 10.50 25.46 11.53
C ASP B 155 12.02 25.54 11.55
N THR B 156 12.67 25.02 12.60
CA THR B 156 14.11 25.01 12.60
C THR B 156 14.70 23.61 12.64
N PHE B 157 13.88 22.58 12.35
CA PHE B 157 14.39 21.23 12.41
C PHE B 157 15.64 21.18 11.56
N ARG B 158 16.63 20.45 12.08
CA ARG B 158 17.91 20.22 11.46
C ARG B 158 18.00 18.86 10.78
N ILE B 159 18.02 18.88 9.47
CA ILE B 159 18.24 17.68 8.66
C ILE B 159 19.72 17.37 8.65
N THR B 160 20.08 16.11 8.87
CA THR B 160 21.44 15.69 9.08
C THR B 160 22.37 15.79 7.86
N LYS B 161 21.93 15.31 6.69
CA LYS B 161 22.77 15.38 5.49
C LYS B 161 22.60 16.74 4.84
N ALA B 162 23.70 17.44 4.69
CA ALA B 162 23.68 18.80 4.15
C ALA B 162 22.96 18.95 2.79
N ASP B 163 23.16 18.02 1.89
CA ASP B 163 22.54 18.13 0.55
C ASP B 163 21.01 17.92 0.63
N ALA B 164 20.57 17.06 1.56
CA ALA B 164 19.15 16.85 1.78
C ALA B 164 18.52 18.07 2.41
N ALA B 165 19.23 18.69 3.35
CA ALA B 165 18.74 19.91 4.03
C ALA B 165 18.58 21.03 2.99
N GLU B 166 19.50 21.10 2.04
CA GLU B 166 19.41 22.07 0.97
C GLU B 166 18.17 21.81 0.10
N PHE B 167 17.95 20.55 -0.29
CA PHE B 167 16.78 20.23 -1.08
C PHE B 167 15.51 20.66 -0.37
N TRP B 168 15.39 20.33 0.94
CA TRP B 168 14.15 20.56 1.65
C TRP B 168 13.88 22.07 1.70
N ARG B 169 14.92 22.83 1.95
CA ARG B 169 14.83 24.28 2.04
C ARG B 169 14.42 24.86 0.72
N LYS B 170 15.11 24.43 -0.35
CA LYS B 170 14.75 24.86 -1.71
C LYS B 170 13.31 24.57 -2.11
N ALA B 171 12.86 23.38 -1.81
CA ALA B 171 11.54 22.97 -2.25
C ALA B 171 10.44 23.47 -1.34
N PHE B 172 10.67 23.47 -0.04
CA PHE B 172 9.62 23.68 0.94
C PHE B 172 9.89 24.75 1.97
N GLY B 173 11.02 25.43 1.87
CA GLY B 173 11.32 26.50 2.80
C GLY B 173 11.51 26.01 4.22
N GLU B 174 10.72 26.54 5.18
CA GLU B 174 10.77 26.06 6.57
C GLU B 174 9.59 25.18 6.97
N LYS B 175 8.85 24.70 5.97
CA LYS B 175 7.71 23.86 6.26
C LYS B 175 8.14 22.63 7.02
N THR B 176 7.29 22.18 7.92
CA THR B 176 7.50 20.93 8.69
C THR B 176 6.86 19.73 8.01
N ILE B 177 5.78 19.95 7.27
CA ILE B 177 5.13 18.82 6.68
C ILE B 177 4.56 19.12 5.31
N VAL B 178 4.56 18.14 4.40
CA VAL B 178 3.94 18.38 3.12
C VAL B 178 3.14 17.16 2.65
N PRO B 179 2.09 17.39 1.87
CA PRO B 179 1.32 16.27 1.36
C PRO B 179 2.19 15.39 0.47
N TRP B 180 1.92 14.10 0.43
CA TRP B 180 2.76 13.19 -0.33
C TRP B 180 2.85 13.67 -1.81
N LYS B 181 1.74 14.13 -2.39
CA LYS B 181 1.75 14.44 -3.80
C LYS B 181 2.74 15.53 -4.07
N SER B 182 2.76 16.51 -3.18
CA SER B 182 3.61 17.66 -3.33
C SER B 182 5.10 17.25 -3.11
N PHE B 183 5.35 16.38 -2.15
CA PHE B 183 6.70 15.88 -1.93
C PHE B 183 7.18 15.14 -3.17
N ARG B 184 6.38 14.21 -3.68
CA ARG B 184 6.76 13.43 -4.85
C ARG B 184 7.14 14.33 -6.02
N GLN B 185 6.30 15.30 -6.29
CA GLN B 185 6.53 16.18 -7.46
C GLN B 185 7.86 16.91 -7.25
N ALA B 186 8.06 17.49 -6.07
CA ALA B 186 9.30 18.21 -5.79
C ALA B 186 10.55 17.32 -5.92
N LEU B 187 10.50 16.09 -5.40
CA LEU B 187 11.61 15.21 -5.41
C LEU B 187 11.96 14.80 -6.82
N HIS B 188 10.96 14.51 -7.61
CA HIS B 188 11.13 14.07 -8.98
C HIS B 188 11.95 15.04 -9.78
N GLU B 189 11.78 16.33 -9.52
CA GLU B 189 12.51 17.34 -10.29
C GLU B 189 14.03 17.24 -10.09
N VAL B 190 14.49 16.57 -9.04
CA VAL B 190 15.92 16.49 -8.69
C VAL B 190 16.38 15.01 -8.77
N HIS B 191 15.50 14.11 -8.36
CA HIS B 191 15.77 12.66 -8.44
C HIS B 191 14.59 11.99 -9.13
N PRO B 192 14.71 11.74 -10.42
CA PRO B 192 13.57 11.20 -11.21
C PRO B 192 12.98 9.94 -10.68
N ILE B 193 11.65 9.88 -10.60
CA ILE B 193 11.00 8.64 -10.15
C ILE B 193 10.52 7.94 -11.42
N SER B 194 10.80 6.66 -11.62
CA SER B 194 10.48 6.13 -12.96
C SER B 194 9.04 5.73 -13.22
N SER B 195 8.27 5.44 -12.17
CA SER B 195 6.93 4.90 -12.41
C SER B 195 6.06 5.11 -11.19
N GLY B 196 4.76 4.92 -11.39
CA GLY B 196 3.81 5.03 -10.32
C GLY B 196 4.05 4.00 -9.23
N LEU B 197 4.36 2.77 -9.60
CA LEU B 197 4.58 1.75 -8.59
C LEU B 197 5.87 2.02 -7.85
N GLU B 198 6.88 2.59 -8.52
CA GLU B 198 8.07 3.04 -7.80
C GLU B 198 7.72 4.12 -6.77
N ALA B 199 6.90 5.08 -7.19
CA ALA B 199 6.46 6.14 -6.27
C ALA B 199 5.73 5.53 -5.07
N MET B 200 4.87 4.53 -5.28
CA MET B 200 4.13 3.95 -4.17
C MET B 200 5.10 3.21 -3.24
N ALA B 201 6.12 2.56 -3.79
CA ALA B 201 7.15 1.87 -2.91
C ALA B 201 7.93 2.93 -2.13
N LEU B 202 8.18 4.07 -2.76
CA LEU B 202 8.93 5.13 -2.08
C LEU B 202 8.07 5.67 -0.98
N LYS B 203 6.83 6.01 -1.26
CA LYS B 203 5.94 6.47 -0.22
C LYS B 203 5.85 5.48 0.94
N SER B 204 5.75 4.20 0.63
CA SER B 204 5.67 3.18 1.66
C SER B 204 6.92 3.23 2.56
N THR B 205 8.06 3.53 1.97
CA THR B 205 9.34 3.53 2.73
C THR B 205 9.48 4.77 3.58
N ILE B 206 9.21 5.95 3.04
CA ILE B 206 9.47 7.20 3.76
C ILE B 206 8.36 7.65 4.73
N ASP B 207 7.11 7.33 4.42
CA ASP B 207 5.95 7.68 5.23
C ASP B 207 5.81 6.74 6.45
N LEU B 208 6.77 6.86 7.38
CA LEU B 208 6.84 6.06 8.55
C LEU B 208 5.58 6.14 9.37
N THR B 209 5.00 7.32 9.49
CA THR B 209 3.78 7.47 10.30
C THR B 209 2.50 7.11 9.55
N CYS B 210 2.64 6.77 8.25
CA CYS B 210 1.55 6.22 7.40
C CYS B 210 0.37 7.13 7.38
N ASN B 211 0.63 8.42 7.18
CA ASN B 211 -0.44 9.38 7.17
C ASN B 211 -0.53 10.16 5.87
N ASP B 212 0.17 9.71 4.83
CA ASP B 212 0.12 10.41 3.48
C ASP B 212 0.70 11.82 3.46
N TYR B 213 1.46 12.15 4.50
CA TYR B 213 2.23 13.40 4.50
C TYR B 213 3.64 12.97 4.77
N ILE B 214 4.59 13.80 4.39
CA ILE B 214 6.00 13.62 4.65
C ILE B 214 6.44 14.78 5.53
N SER B 215 6.97 14.46 6.71
CA SER B 215 7.44 15.47 7.57
C SER B 215 8.95 15.64 7.34
N VAL B 216 9.48 16.77 7.80
CA VAL B 216 10.90 17.04 7.71
C VAL B 216 11.71 15.99 8.47
N PHE B 217 11.13 15.48 9.56
CA PHE B 217 11.71 14.38 10.37
C PHE B 217 11.75 13.10 9.55
N GLU B 218 10.65 12.73 8.90
CA GLU B 218 10.65 11.51 8.05
C GLU B 218 11.68 11.65 6.95
N PHE B 219 11.79 12.88 6.40
CA PHE B 219 12.69 13.10 5.31
C PHE B 219 14.11 12.95 5.79
N ASP B 220 14.42 13.48 6.97
CA ASP B 220 15.76 13.34 7.53
C ASP B 220 16.06 11.83 7.72
N ILE B 221 15.11 11.09 8.25
CA ILE B 221 15.32 9.62 8.46
C ILE B 221 15.68 8.95 7.14
N PHE B 222 14.87 9.19 6.10
CA PHE B 222 15.04 8.46 4.81
C PHE B 222 16.38 8.83 4.19
N THR B 223 16.73 10.14 4.18
CA THR B 223 17.95 10.59 3.56
C THR B 223 19.22 10.19 4.33
N ARG B 224 19.11 9.94 5.63
CA ARG B 224 20.23 9.28 6.38
C ARG B 224 20.35 7.79 6.01
N LEU B 225 19.24 7.07 5.99
CA LEU B 225 19.27 5.67 5.66
C LEU B 225 19.77 5.39 4.25
N PHE B 226 19.40 6.22 3.29
CA PHE B 226 19.75 5.94 1.91
C PHE B 226 20.75 6.90 1.28
N GLN B 227 21.61 7.49 2.10
CA GLN B 227 22.69 8.36 1.64
C GLN B 227 23.63 7.52 0.79
N PRO B 228 24.43 8.12 -0.09
CA PRO B 228 24.55 9.55 -0.28
C PRO B 228 23.47 10.14 -1.18
N TRP B 229 23.13 11.39 -0.91
CA TRP B 229 22.09 12.12 -1.59
C TRP B 229 22.27 12.12 -3.10
N SER B 230 23.53 12.25 -3.58
CA SER B 230 23.76 12.36 -5.01
C SER B 230 23.10 11.22 -5.79
N SER B 231 22.97 10.05 -5.20
CA SER B 231 22.38 8.93 -5.90
C SER B 231 21.23 8.32 -5.06
N LEU B 232 20.52 9.16 -4.33
CA LEU B 232 19.50 8.74 -3.40
C LEU B 232 18.56 7.59 -3.83
N LEU B 233 17.85 7.76 -4.94
CA LEU B 233 16.86 6.78 -5.33
C LEU B 233 17.50 5.56 -5.97
N ARG B 234 18.68 5.71 -6.57
CA ARG B 234 19.47 4.52 -7.00
C ARG B 234 19.90 3.73 -5.76
N ASN B 235 20.34 4.40 -4.72
CA ASN B 235 20.66 3.70 -3.47
C ASN B 235 19.45 2.93 -2.90
N TRP B 236 18.33 3.62 -2.76
CA TRP B 236 17.11 2.99 -2.21
C TRP B 236 16.64 1.85 -3.13
N ASN B 237 16.70 2.04 -4.41
CA ASN B 237 16.30 0.96 -5.27
C ASN B 237 17.15 -0.29 -5.07
N SER B 238 18.43 -0.08 -4.90
CA SER B 238 19.41 -1.17 -4.71
C SER B 238 19.33 -1.89 -3.34
N LEU B 239 19.11 -1.12 -2.30
CA LEU B 239 19.15 -1.58 -0.94
C LEU B 239 17.79 -2.03 -0.42
N ALA B 240 16.71 -1.64 -1.09
CA ALA B 240 15.38 -1.92 -0.56
C ALA B 240 14.41 -2.45 -1.61
N VAL B 241 14.23 -1.72 -2.71
CA VAL B 241 13.23 -2.11 -3.68
C VAL B 241 13.49 -3.55 -4.22
N THR B 242 14.74 -3.86 -4.56
CA THR B 242 15.07 -5.13 -5.15
C THR B 242 15.95 -6.00 -4.27
N HIS B 243 16.25 -5.58 -3.06
CA HIS B 243 17.16 -6.39 -2.21
C HIS B 243 16.35 -7.35 -1.34
N PRO B 244 16.63 -8.67 -1.46
CA PRO B 244 15.91 -9.66 -0.66
C PRO B 244 16.17 -9.54 0.83
N GLY B 245 17.26 -8.89 1.22
CA GLY B 245 17.56 -8.74 2.64
C GLY B 245 16.75 -7.68 3.38
N TYR B 246 16.21 -6.68 2.66
CA TYR B 246 15.54 -5.56 3.32
C TYR B 246 14.16 -6.02 3.87
N MET B 247 13.88 -5.65 5.09
CA MET B 247 12.63 -5.97 5.73
C MET B 247 11.91 -4.73 6.18
N ALA B 248 10.92 -4.29 5.43
CA ALA B 248 10.18 -3.12 5.81
C ALA B 248 9.28 -3.41 7.03
N PHE B 249 9.16 -2.45 7.91
CA PHE B 249 8.30 -2.49 9.14
C PHE B 249 8.44 -3.81 9.89
N LEU B 250 9.66 -4.24 10.10
CA LEU B 250 9.96 -5.40 10.90
C LEU B 250 10.67 -4.97 12.19
N THR B 251 10.43 -5.72 13.25
CA THR B 251 10.97 -5.41 14.55
C THR B 251 12.17 -6.28 14.88
N TYR B 252 12.89 -5.91 15.94
CA TYR B 252 14.02 -6.74 16.49
C TYR B 252 13.59 -8.20 16.73
N ASP B 253 12.48 -8.39 17.42
CA ASP B 253 12.03 -9.78 17.73
C ASP B 253 11.64 -10.52 16.45
N GLU B 254 10.99 -9.85 15.50
CA GLU B 254 10.65 -10.52 14.25
C GLU B 254 11.86 -10.95 13.49
N VAL B 255 12.93 -10.16 13.51
CA VAL B 255 14.14 -10.54 12.82
C VAL B 255 14.75 -11.79 13.46
N LYS B 256 14.81 -11.85 14.79
CA LYS B 256 15.30 -13.05 15.45
C LYS B 256 14.45 -14.25 15.08
N ALA B 257 13.12 -14.09 15.03
CA ALA B 257 12.26 -15.18 14.62
C ALA B 257 12.44 -15.58 13.18
N ARG B 258 12.65 -14.61 12.29
CA ARG B 258 12.78 -14.91 10.88
C ARG B 258 14.08 -15.59 10.58
N LEU B 259 15.15 -15.24 11.30
CA LEU B 259 16.46 -15.88 11.02
C LEU B 259 16.56 -17.24 11.66
N GLN B 260 15.69 -17.51 12.60
CA GLN B 260 15.66 -18.85 13.25
C GLN B 260 15.61 -20.01 12.23
N LYS B 261 14.85 -19.85 11.13
CA LYS B 261 14.80 -20.94 10.14
C LYS B 261 16.15 -21.19 9.46
N PHE B 262 17.09 -20.24 9.61
CA PHE B 262 18.43 -20.34 8.97
C PHE B 262 19.55 -20.55 9.96
N ILE B 263 19.19 -21.03 11.14
CA ILE B 263 20.20 -21.18 12.18
C ILE B 263 21.37 -22.10 11.84
N HIS B 264 21.17 -23.13 10.98
CA HIS B 264 22.31 -23.92 10.53
C HIS B 264 22.90 -23.34 9.24
N LYS B 265 22.54 -22.12 8.86
CA LYS B 265 23.15 -21.54 7.67
C LYS B 265 23.87 -20.21 8.03
N PRO B 266 25.08 -20.30 8.56
CA PRO B 266 25.87 -19.10 8.89
C PRO B 266 25.99 -18.15 7.69
N GLY B 267 25.85 -16.86 7.96
CA GLY B 267 25.95 -15.89 6.91
C GLY B 267 24.58 -15.47 6.35
N SER B 268 23.48 -16.13 6.78
CA SER B 268 22.15 -15.66 6.45
C SER B 268 21.96 -14.34 7.21
N TYR B 269 21.32 -13.38 6.58
CA TYR B 269 21.17 -12.05 7.18
C TYR B 269 19.97 -11.29 6.58
N ILE B 270 19.48 -10.33 7.34
CA ILE B 270 18.47 -9.40 6.85
C ILE B 270 18.74 -8.07 7.54
N PHE B 271 18.11 -7.02 7.06
CA PHE B 271 18.29 -5.69 7.67
C PHE B 271 17.01 -4.85 7.63
N ARG B 272 16.93 -3.85 8.51
CA ARG B 272 15.69 -3.07 8.67
C ARG B 272 16.00 -1.83 9.38
N LEU B 273 15.02 -0.91 9.46
CA LEU B 273 15.23 0.28 10.24
C LEU B 273 15.29 -0.07 11.70
N SER B 274 16.27 0.44 12.41
CA SER B 274 16.28 0.37 13.84
C SER B 274 15.09 1.16 14.36
N CYS B 275 14.33 0.66 15.35
CA CYS B 275 13.20 1.50 15.81
C CYS B 275 13.59 2.45 16.98
N THR B 276 14.67 2.16 17.69
CA THR B 276 15.05 2.98 18.82
C THR B 276 16.09 3.99 18.40
N ARG B 277 16.81 3.74 17.29
CA ARG B 277 17.76 4.72 16.80
C ARG B 277 17.31 5.07 15.37
N LEU B 278 16.23 5.81 15.28
CA LEU B 278 15.63 6.07 13.93
C LEU B 278 16.60 6.81 13.04
N GLY B 279 16.75 6.33 11.83
CA GLY B 279 17.71 6.90 10.95
C GLY B 279 18.86 5.96 10.74
N GLN B 280 18.92 4.92 11.56
CA GLN B 280 20.03 3.95 11.48
C GLN B 280 19.51 2.54 11.15
N TRP B 281 20.38 1.74 10.56
CA TRP B 281 20.05 0.36 10.12
C TRP B 281 20.37 -0.66 11.19
N ALA B 282 19.56 -1.69 11.32
CA ALA B 282 19.91 -2.82 12.20
C ALA B 282 20.05 -4.03 11.31
N ILE B 283 21.20 -4.71 11.38
CA ILE B 283 21.45 -5.83 10.51
C ILE B 283 21.50 -7.04 11.38
N GLY B 284 20.71 -8.06 11.04
CA GLY B 284 20.73 -9.27 11.83
C GLY B 284 21.37 -10.38 11.04
N TYR B 285 22.15 -11.26 11.71
CA TYR B 285 22.74 -12.32 10.97
C TYR B 285 23.01 -13.54 11.80
N VAL B 286 23.18 -14.68 11.11
CA VAL B 286 23.53 -15.95 11.75
C VAL B 286 25.06 -16.19 11.79
N THR B 287 25.57 -16.39 13.01
CA THR B 287 26.99 -16.61 13.21
C THR B 287 27.34 -18.09 13.01
N ALA B 288 28.63 -18.34 12.87
CA ALA B 288 29.19 -19.70 12.81
C ALA B 288 28.77 -20.58 13.98
N ASP B 289 28.64 -20.05 15.18
CA ASP B 289 28.25 -20.86 16.32
C ASP B 289 26.74 -20.90 16.58
N GLY B 290 25.97 -20.47 15.56
CA GLY B 290 24.48 -20.52 15.62
C GLY B 290 23.81 -19.55 16.58
N ASN B 291 24.28 -18.30 16.61
CA ASN B 291 23.63 -17.27 17.34
C ASN B 291 23.13 -16.30 16.30
N ILE B 292 22.10 -15.55 16.65
CA ILE B 292 21.60 -14.52 15.78
C ILE B 292 21.98 -13.21 16.47
N LEU B 293 22.80 -12.42 15.81
CA LEU B 293 23.21 -11.13 16.37
C LEU B 293 22.57 -10.05 15.57
N GLN B 294 22.36 -8.88 16.21
CA GLN B 294 21.93 -7.70 15.47
C GLN B 294 22.81 -6.54 15.85
N THR B 295 23.33 -5.82 14.87
CA THR B 295 24.16 -4.67 15.13
C THR B 295 23.76 -3.48 14.31
N ILE B 296 24.12 -2.32 14.82
CA ILE B 296 23.84 -1.07 14.11
C ILE B 296 25.21 -0.51 13.67
N PRO B 297 25.47 -0.43 12.37
CA PRO B 297 26.82 0.01 11.94
C PRO B 297 27.14 1.38 12.55
N HIS B 298 28.41 1.61 12.87
CA HIS B 298 28.86 2.91 13.44
C HIS B 298 29.61 3.68 12.35
N ASN B 299 29.07 4.82 11.92
CA ASN B 299 29.82 5.68 10.98
C ASN B 299 30.08 5.04 9.65
N LYS B 300 29.13 4.23 9.16
CA LYS B 300 29.28 3.72 7.82
C LYS B 300 27.92 3.55 7.17
N PRO B 301 27.79 4.08 5.95
CA PRO B 301 26.53 3.92 5.25
C PRO B 301 26.28 2.43 4.97
N LEU B 302 25.04 2.10 4.61
CA LEU B 302 24.67 0.71 4.47
C LEU B 302 25.52 0.03 3.41
N PHE B 303 25.72 0.64 2.23
CA PHE B 303 26.45 -0.05 1.17
C PHE B 303 27.77 -0.62 1.73
N GLN B 304 28.50 0.23 2.46
CA GLN B 304 29.82 -0.13 3.01
C GLN B 304 29.70 -1.20 4.14
N ALA B 305 28.73 -1.04 5.04
CA ALA B 305 28.44 -2.09 6.03
C ALA B 305 28.18 -3.44 5.34
N LEU B 306 27.42 -3.46 4.24
CA LEU B 306 27.11 -4.74 3.50
C LEU B 306 28.33 -5.33 2.81
N ILE B 307 29.09 -4.49 2.11
CA ILE B 307 30.31 -4.93 1.48
C ILE B 307 31.28 -5.49 2.53
N ASP B 308 31.48 -4.77 3.61
CA ASP B 308 32.44 -5.24 4.66
C ASP B 308 31.98 -6.59 5.27
N GLY B 309 30.70 -6.72 5.53
CA GLY B 309 30.16 -7.94 6.15
C GLY B 309 30.10 -9.06 5.14
N PHE B 310 29.91 -8.74 3.87
CA PHE B 310 29.98 -9.77 2.86
C PHE B 310 31.38 -10.37 2.84
N ARG B 311 32.37 -9.51 2.83
CA ARG B 311 33.74 -10.00 2.76
C ARG B 311 34.11 -10.92 3.92
N GLU B 312 33.67 -10.53 5.12
CA GLU B 312 33.95 -11.27 6.33
C GLU B 312 33.11 -12.51 6.49
N GLY B 313 32.13 -12.73 5.58
CA GLY B 313 31.30 -13.92 5.67
C GLY B 313 30.09 -13.80 6.59
N PHE B 314 29.86 -12.61 7.16
CA PHE B 314 28.66 -12.41 7.98
C PHE B 314 27.43 -12.24 7.16
N TYR B 315 27.54 -11.49 6.06
CA TYR B 315 26.34 -11.14 5.31
C TYR B 315 26.39 -11.73 3.91
N LEU B 316 26.04 -13.02 3.81
CA LEU B 316 26.15 -13.75 2.57
C LEU B 316 24.84 -14.10 1.84
N PHE B 317 23.82 -14.43 2.63
CA PHE B 317 22.61 -15.02 2.09
C PHE B 317 21.42 -14.22 2.58
N PRO B 318 20.96 -13.27 1.76
CA PRO B 318 19.95 -12.32 2.24
C PRO B 318 18.63 -13.06 2.41
N ASP B 319 18.06 -12.97 3.61
CA ASP B 319 16.85 -13.69 3.93
C ASP B 319 17.07 -15.20 3.60
N GLY B 320 18.30 -15.65 3.81
CA GLY B 320 18.66 -17.04 3.74
C GLY B 320 18.74 -17.54 2.29
N ARG B 321 18.65 -16.66 1.29
CA ARG B 321 18.67 -17.06 -0.15
C ARG B 321 20.09 -17.14 -0.68
N ASN B 322 20.33 -17.99 -1.70
CA ASN B 322 21.70 -18.23 -2.21
C ASN B 322 22.34 -17.10 -3.01
N GLN B 323 21.53 -16.38 -3.78
CA GLN B 323 22.02 -15.21 -4.50
C GLN B 323 22.00 -13.95 -3.62
N ASN B 324 23.12 -13.24 -3.57
CA ASN B 324 23.24 -11.97 -2.86
C ASN B 324 23.53 -10.85 -3.90
N PRO B 325 22.77 -9.74 -3.87
CA PRO B 325 23.07 -8.65 -4.79
C PRO B 325 24.50 -8.18 -4.68
N ASP B 326 25.11 -7.96 -5.83
CA ASP B 326 26.46 -7.49 -5.85
C ASP B 326 26.44 -5.96 -5.83
N LEU B 327 26.78 -5.38 -4.69
CA LEU B 327 26.77 -3.94 -4.62
C LEU B 327 28.21 -3.49 -4.73
N ARG C 5 -16.37 4.99 -27.46
CA ARG C 5 -15.58 4.89 -26.23
C ARG C 5 -14.18 4.40 -26.59
N PTR C 6 -14.06 3.11 -26.90
CA PTR C 6 -12.75 2.62 -27.30
C PTR C 6 -12.76 2.53 -28.83
O PTR C 6 -13.73 2.04 -29.41
CB PTR C 6 -12.57 1.28 -26.67
CG PTR C 6 -12.43 1.35 -25.16
CD1 PTR C 6 -11.33 1.99 -24.59
CD2 PTR C 6 -13.39 0.83 -24.33
CE1 PTR C 6 -11.20 2.08 -23.21
CE2 PTR C 6 -13.28 0.92 -22.91
CZ PTR C 6 -12.14 1.54 -22.38
OH PTR C 6 -11.96 1.60 -21.14
P PTR C 6 -12.94 1.03 -19.98
O1P PTR C 6 -14.21 1.81 -20.04
O2P PTR C 6 -12.29 1.29 -18.62
O3P PTR C 6 -13.18 -0.41 -20.13
N ASP C 7 -11.73 2.99 -29.49
CA ASP C 7 -11.87 2.96 -30.96
C ASP C 7 -10.85 2.11 -31.60
N ALA C 8 -10.72 2.16 -32.93
CA ALA C 8 -9.73 1.34 -33.65
C ALA C 8 -9.59 -0.03 -32.98
N GLY D 27 -16.20 -15.05 8.60
CA GLY D 27 -17.31 -15.60 9.44
C GLY D 27 -18.60 -15.74 8.66
N THR D 28 -19.52 -16.59 9.14
CA THR D 28 -20.79 -16.91 8.44
C THR D 28 -21.66 -15.72 7.96
N VAL D 29 -22.17 -15.86 6.74
CA VAL D 29 -23.09 -14.89 6.18
C VAL D 29 -24.55 -15.38 6.15
N ASP D 30 -25.46 -14.55 6.64
CA ASP D 30 -26.91 -14.88 6.55
C ASP D 30 -27.70 -13.74 5.92
N LYS D 31 -28.99 -13.98 5.67
CA LYS D 31 -29.92 -12.94 5.16
C LYS D 31 -29.81 -11.56 5.85
N LYS D 32 -29.68 -11.54 7.18
CA LYS D 32 -29.44 -10.30 7.93
C LYS D 32 -28.20 -9.51 7.51
N MET D 33 -27.02 -10.14 7.53
CA MET D 33 -25.75 -9.46 7.21
C MET D 33 -25.83 -8.81 5.85
N VAL D 34 -26.45 -9.49 4.91
CA VAL D 34 -26.64 -8.95 3.53
C VAL D 34 -27.44 -7.65 3.58
N GLU D 35 -28.56 -7.67 4.30
CA GLU D 35 -29.42 -6.48 4.46
C GLU D 35 -28.68 -5.32 5.13
N LYS D 36 -27.85 -5.63 6.13
CA LYS D 36 -27.01 -4.61 6.72
C LYS D 36 -26.03 -4.02 5.66
N CYS D 37 -25.47 -4.86 4.82
CA CYS D 37 -24.66 -4.39 3.73
C CYS D 37 -25.50 -3.58 2.76
N TRP D 38 -26.67 -4.07 2.47
CA TRP D 38 -27.51 -3.33 1.51
C TRP D 38 -27.83 -1.91 1.96
N LYS D 39 -27.98 -1.74 3.26
CA LYS D 39 -28.27 -0.41 3.82
C LYS D 39 -27.08 0.54 3.76
N LEU D 40 -25.87 0.04 4.04
CA LEU D 40 -24.66 0.81 3.89
C LEU D 40 -24.46 1.20 2.40
N MET D 41 -24.76 0.27 1.48
CA MET D 41 -24.65 0.57 0.06
C MET D 41 -25.65 1.68 -0.31
N ASP D 42 -26.89 1.60 0.18
CA ASP D 42 -27.88 2.63 -0.05
C ASP D 42 -27.35 3.96 0.40
N LYS D 43 -26.71 4.00 1.55
CA LYS D 43 -26.14 5.27 2.02
C LYS D 43 -25.04 5.80 1.13
N VAL D 44 -24.14 4.93 0.63
CA VAL D 44 -23.10 5.40 -0.30
C VAL D 44 -23.73 6.08 -1.55
N VAL D 45 -24.76 5.45 -2.10
CA VAL D 45 -25.51 6.01 -3.22
C VAL D 45 -26.09 7.37 -2.90
N ARG D 46 -26.71 7.53 -1.71
CA ARG D 46 -27.29 8.84 -1.32
C ARG D 46 -26.21 9.92 -1.26
N LEU D 47 -25.06 9.55 -0.71
CA LEU D 47 -23.89 10.42 -0.62
C LEU D 47 -23.35 10.81 -2.01
N CYS D 48 -23.32 9.84 -2.90
CA CYS D 48 -22.77 10.05 -4.27
C CYS D 48 -23.74 10.72 -5.21
N GLN D 49 -25.00 10.79 -4.79
CA GLN D 49 -26.04 11.52 -5.54
C GLN D 49 -25.90 13.02 -5.41
N ASN D 50 -25.13 13.47 -4.43
CA ASN D 50 -24.92 14.91 -4.25
C ASN D 50 -24.58 15.58 -5.59
N PRO D 51 -25.40 16.54 -6.02
CA PRO D 51 -25.16 17.17 -7.35
C PRO D 51 -23.83 17.95 -7.41
N LYS D 52 -23.32 18.41 -6.28
CA LYS D 52 -21.97 19.03 -6.22
C LYS D 52 -20.82 18.11 -6.66
N LEU D 53 -21.01 16.78 -6.58
CA LEU D 53 -19.97 15.89 -7.10
C LEU D 53 -19.95 15.86 -8.60
N ALA D 54 -21.14 15.98 -9.21
CA ALA D 54 -21.26 15.94 -10.69
C ALA D 54 -20.67 14.66 -11.29
N LEU D 55 -20.97 13.50 -10.68
CA LEU D 55 -20.43 12.25 -11.18
C LEU D 55 -20.89 12.06 -12.60
N LYS D 56 -19.98 11.66 -13.49
CA LYS D 56 -20.39 11.35 -14.87
C LYS D 56 -20.79 9.93 -15.03
N ASN D 57 -21.80 9.69 -15.86
CA ASN D 57 -22.20 8.33 -16.12
C ASN D 57 -21.22 7.67 -17.10
N SER D 58 -20.12 7.19 -16.58
CA SER D 58 -19.01 6.71 -17.37
C SER D 58 -18.35 5.69 -16.50
N PRO D 59 -18.18 4.47 -16.97
CA PRO D 59 -17.63 3.43 -16.07
C PRO D 59 -16.24 3.82 -15.60
N PRO D 60 -15.91 3.60 -14.33
CA PRO D 60 -16.78 2.96 -13.31
C PRO D 60 -17.71 4.00 -12.73
N TYR D 61 -18.99 3.74 -12.72
CA TYR D 61 -20.00 4.73 -12.27
C TYR D 61 -20.65 4.17 -11.02
N ILE D 62 -20.29 4.71 -9.87
CA ILE D 62 -20.71 4.12 -8.62
C ILE D 62 -22.25 4.09 -8.45
N LEU D 63 -22.95 5.07 -9.04
CA LEU D 63 -24.39 5.19 -8.93
C LEU D 63 -25.12 4.04 -9.66
N ASP D 64 -24.48 3.40 -10.62
CA ASP D 64 -25.01 2.15 -11.15
C ASP D 64 -24.36 0.93 -10.55
N LEU D 65 -23.08 1.01 -10.19
CA LEU D 65 -22.41 -0.18 -9.65
C LEU D 65 -23.04 -0.71 -8.39
N LEU D 66 -23.37 0.15 -7.44
CA LEU D 66 -23.90 -0.34 -6.17
C LEU D 66 -25.32 -0.96 -6.29
N PRO D 67 -26.29 -0.26 -6.94
CA PRO D 67 -27.61 -0.91 -7.22
C PRO D 67 -27.45 -2.22 -8.04
N ASP D 68 -26.54 -2.23 -9.02
CA ASP D 68 -26.29 -3.45 -9.78
C ASP D 68 -25.74 -4.57 -8.93
N THR D 69 -24.91 -4.24 -7.96
CA THR D 69 -24.34 -5.22 -7.01
C THR D 69 -25.43 -5.70 -6.12
N TYR D 70 -26.27 -4.79 -5.66
CA TYR D 70 -27.50 -5.20 -4.88
C TYR D 70 -28.35 -6.17 -5.66
N GLN D 71 -28.62 -5.90 -6.95
CA GLN D 71 -29.52 -6.78 -7.71
C GLN D 71 -28.91 -8.15 -7.85
N HIS D 72 -27.59 -8.20 -8.03
CA HIS D 72 -26.98 -9.50 -8.23
C HIS D 72 -26.95 -10.28 -6.93
N LEU D 73 -26.72 -9.60 -5.81
CA LEU D 73 -26.78 -10.29 -4.50
C LEU D 73 -28.20 -10.79 -4.24
N ARG D 74 -29.19 -10.04 -4.71
CA ARG D 74 -30.58 -10.45 -4.59
C ARG D 74 -30.85 -11.74 -5.37
N THR D 75 -30.36 -11.79 -6.60
CA THR D 75 -30.43 -12.97 -7.43
C THR D 75 -29.76 -14.18 -6.74
N ILE D 76 -28.58 -13.98 -6.19
CA ILE D 76 -27.91 -15.02 -5.46
C ILE D 76 -28.80 -15.50 -4.28
N LEU D 77 -29.36 -14.57 -3.47
CA LEU D 77 -30.10 -15.03 -2.29
C LEU D 77 -31.33 -15.81 -2.77
N SER D 78 -31.92 -15.36 -3.87
CA SER D 78 -33.01 -16.07 -4.50
C SER D 78 -32.66 -17.51 -4.82
N ARG D 79 -31.49 -17.72 -5.42
CA ARG D 79 -31.10 -19.08 -5.78
C ARG D 79 -30.89 -19.97 -4.54
N TYR D 80 -30.59 -19.36 -3.41
CA TYR D 80 -30.27 -20.14 -2.20
C TYR D 80 -31.45 -20.17 -1.19
N GLU D 81 -32.66 -19.87 -1.66
CA GLU D 81 -33.85 -19.96 -0.82
C GLU D 81 -34.00 -21.41 -0.37
N GLY D 82 -34.08 -21.61 0.94
CA GLY D 82 -34.18 -22.95 1.49
C GLY D 82 -32.81 -23.57 1.72
N LYS D 83 -31.76 -23.04 1.09
CA LYS D 83 -30.46 -23.62 1.34
C LYS D 83 -29.42 -22.59 1.76
N MET D 84 -29.86 -21.69 2.64
CA MET D 84 -29.03 -20.54 3.09
C MET D 84 -27.77 -20.92 3.89
N GLU D 85 -27.88 -21.99 4.65
CA GLU D 85 -26.72 -22.56 5.29
C GLU D 85 -25.58 -22.86 4.29
N THR D 86 -25.88 -23.33 3.08
CA THR D 86 -24.84 -23.63 2.07
C THR D 86 -24.17 -22.34 1.61
N LEU D 87 -24.97 -21.32 1.32
CA LEU D 87 -24.43 -20.03 0.92
C LEU D 87 -23.63 -19.39 2.05
N GLY D 88 -24.15 -19.51 3.27
CA GLY D 88 -23.51 -18.92 4.46
C GLY D 88 -22.12 -19.42 4.77
N GLU D 89 -21.83 -20.64 4.38
CA GLU D 89 -20.54 -21.21 4.65
C GLU D 89 -19.54 -21.18 3.49
N ASN D 90 -19.94 -20.60 2.37
CA ASN D 90 -19.09 -20.53 1.21
C ASN D 90 -17.95 -19.56 1.51
N GLU D 91 -16.74 -20.05 1.47
CA GLU D 91 -15.55 -19.31 1.71
C GLU D 91 -15.52 -17.99 0.92
N TYR D 92 -15.67 -18.10 -0.36
CA TYR D 92 -15.62 -16.90 -1.23
C TYR D 92 -16.70 -15.89 -0.80
N PHE D 93 -17.93 -16.36 -0.58
CA PHE D 93 -19.01 -15.41 -0.33
C PHE D 93 -18.78 -14.70 0.99
N ARG D 94 -18.30 -15.42 1.98
CA ARG D 94 -17.94 -14.80 3.27
C ARG D 94 -16.91 -13.68 3.08
N VAL D 95 -15.83 -13.98 2.36
CA VAL D 95 -14.80 -12.98 2.11
C VAL D 95 -15.38 -11.83 1.32
N PHE D 96 -16.18 -12.13 0.30
CA PHE D 96 -16.78 -11.03 -0.50
C PHE D 96 -17.64 -10.06 0.34
N MET D 97 -18.56 -10.61 1.14
CA MET D 97 -19.47 -9.77 1.93
C MET D 97 -18.72 -8.99 2.98
N GLU D 98 -17.73 -9.60 3.57
CA GLU D 98 -16.89 -8.90 4.56
C GLU D 98 -16.19 -7.70 3.89
N ASN D 99 -15.65 -7.91 2.69
CA ASN D 99 -15.02 -6.82 1.97
C ASN D 99 -16.05 -5.78 1.52
N LEU D 100 -17.22 -6.21 1.13
CA LEU D 100 -18.23 -5.24 0.62
C LEU D 100 -18.59 -4.31 1.79
N MET D 101 -18.70 -4.88 2.98
CA MET D 101 -19.04 -4.09 4.16
C MET D 101 -17.93 -3.12 4.47
N LYS D 102 -16.68 -3.59 4.47
CA LYS D 102 -15.53 -2.74 4.72
C LYS D 102 -15.40 -1.60 3.74
N LYS D 103 -15.53 -1.91 2.45
CA LYS D 103 -15.42 -0.89 1.38
C LYS D 103 -16.51 0.17 1.45
N THR D 104 -17.73 -0.23 1.75
CA THR D 104 -18.84 0.76 1.88
C THR D 104 -18.60 1.66 3.11
N LYS D 105 -18.24 1.06 4.24
CA LYS D 105 -17.84 1.83 5.42
C LYS D 105 -16.69 2.80 5.13
N GLN D 106 -15.69 2.34 4.42
CA GLN D 106 -14.57 3.18 3.99
C GLN D 106 -15.07 4.36 3.16
N THR D 107 -16.00 4.07 2.26
CA THR D 107 -16.54 5.11 1.42
C THR D 107 -17.34 6.13 2.25
N ILE D 108 -18.20 5.65 3.14
CA ILE D 108 -18.90 6.52 4.04
C ILE D 108 -17.94 7.39 4.91
N SER D 109 -16.88 6.82 5.46
CA SER D 109 -15.90 7.59 6.28
C SER D 109 -15.19 8.62 5.46
N LEU D 110 -14.96 8.31 4.21
CA LEU D 110 -14.33 9.23 3.29
C LEU D 110 -15.15 10.51 3.15
N PHE D 111 -16.45 10.38 2.91
CA PHE D 111 -17.32 11.57 2.87
C PHE D 111 -17.35 12.30 4.21
N LYS D 112 -17.42 11.55 5.30
CA LYS D 112 -17.41 12.18 6.61
C LYS D 112 -16.14 13.02 6.86
N GLU D 113 -14.97 12.47 6.50
CA GLU D 113 -13.70 13.12 6.73
C GLU D 113 -13.38 14.17 5.70
N GLY D 114 -13.70 13.87 4.43
CA GLY D 114 -13.34 14.76 3.34
C GLY D 114 -14.17 16.04 3.24
N LYS D 115 -15.40 15.99 3.73
CA LYS D 115 -16.22 17.17 3.80
C LYS D 115 -16.28 17.82 2.41
N GLU D 116 -15.92 19.12 2.30
CA GLU D 116 -16.01 19.88 1.03
C GLU D 116 -14.95 19.50 -0.02
N ARG D 117 -13.89 18.83 0.42
CA ARG D 117 -12.83 18.48 -0.48
C ARG D 117 -13.30 17.38 -1.47
N MET D 118 -14.39 16.71 -1.13
CA MET D 118 -14.98 15.67 -2.02
C MET D 118 -15.43 16.28 -3.37
N TYR D 119 -15.76 17.57 -3.36
CA TYR D 119 -16.28 18.30 -4.52
C TYR D 119 -15.21 19.04 -5.30
N GLU D 120 -13.98 19.06 -4.80
CA GLU D 120 -12.85 19.53 -5.56
C GLU D 120 -12.39 18.41 -6.50
N GLU D 121 -12.55 18.61 -7.80
CA GLU D 121 -12.31 17.53 -8.75
C GLU D 121 -10.91 16.94 -8.68
N ASN D 122 -9.90 17.74 -8.40
CA ASN D 122 -8.58 17.13 -8.30
C ASN D 122 -8.08 16.87 -6.86
N SER D 123 -8.94 16.97 -5.85
CA SER D 123 -8.48 16.65 -4.51
C SER D 123 -8.09 15.17 -4.31
N GLN D 124 -7.29 14.92 -3.27
CA GLN D 124 -6.95 13.57 -2.90
C GLN D 124 -8.17 12.75 -2.39
N PRO D 125 -8.98 13.31 -1.46
CA PRO D 125 -10.18 12.60 -1.07
C PRO D 125 -11.08 12.27 -2.29
N ARG D 126 -11.14 13.13 -3.29
CA ARG D 126 -11.89 12.80 -4.49
C ARG D 126 -11.25 11.66 -5.26
N ARG D 127 -9.94 11.73 -5.44
CA ARG D 127 -9.23 10.65 -6.07
C ARG D 127 -9.50 9.34 -5.34
N ASN D 128 -9.56 9.40 -4.02
CA ASN D 128 -9.84 8.19 -3.26
C ASN D 128 -11.19 7.60 -3.57
N LEU D 129 -12.15 8.47 -3.83
CA LEU D 129 -13.49 8.01 -4.23
C LEU D 129 -13.41 7.38 -5.62
N THR D 130 -12.65 7.96 -6.52
CA THR D 130 -12.54 7.39 -7.85
C THR D 130 -11.91 5.99 -7.77
N LYS D 131 -10.90 5.81 -6.90
CA LYS D 131 -10.30 4.51 -6.78
C LYS D 131 -11.31 3.55 -6.16
N LEU D 132 -12.05 3.99 -5.17
CA LEU D 132 -13.10 3.16 -4.64
C LEU D 132 -14.13 2.72 -5.70
N SER D 133 -14.50 3.65 -6.57
CA SER D 133 -15.50 3.31 -7.58
C SER D 133 -14.94 2.21 -8.48
N LEU D 134 -13.66 2.27 -8.83
CA LEU D 134 -13.04 1.20 -9.64
C LEU D 134 -13.04 -0.12 -8.87
N ILE D 135 -12.74 -0.05 -7.55
CA ILE D 135 -12.73 -1.28 -6.74
C ILE D 135 -14.14 -1.88 -6.72
N PHE D 136 -15.16 -1.06 -6.59
CA PHE D 136 -16.55 -1.60 -6.63
C PHE D 136 -16.82 -2.23 -7.99
N SER D 137 -16.28 -1.65 -9.05
CA SER D 137 -16.44 -2.26 -10.37
C SER D 137 -15.79 -3.62 -10.45
N HIS D 138 -14.56 -3.73 -9.95
CA HIS D 138 -13.86 -5.02 -9.98
C HIS D 138 -14.57 -6.04 -9.13
N MET D 139 -15.13 -5.59 -8.01
CA MET D 139 -15.88 -6.48 -7.10
C MET D 139 -17.10 -7.03 -7.73
N LEU D 140 -17.86 -6.18 -8.44
CA LEU D 140 -19.03 -6.66 -9.13
C LEU D 140 -18.64 -7.67 -10.23
N ALA D 141 -17.62 -7.37 -11.02
CA ALA D 141 -17.18 -8.29 -12.06
C ALA D 141 -16.79 -9.65 -11.44
N GLU D 142 -16.03 -9.60 -10.33
CA GLU D 142 -15.61 -10.83 -9.64
C GLU D 142 -16.83 -11.61 -9.15
N LEU D 143 -17.78 -10.93 -8.54
CA LEU D 143 -18.97 -11.62 -8.04
C LEU D 143 -19.69 -12.27 -9.19
N LYS D 144 -19.87 -11.56 -10.32
CA LYS D 144 -20.51 -12.21 -11.48
C LYS D 144 -19.70 -13.36 -12.10
N GLY D 145 -18.39 -13.30 -12.02
CA GLY D 145 -17.56 -14.36 -12.54
C GLY D 145 -17.71 -15.60 -11.69
N ILE D 146 -17.91 -15.44 -10.39
CA ILE D 146 -18.00 -16.59 -9.48
C ILE D 146 -19.43 -17.09 -9.29
N PHE D 147 -20.40 -16.19 -9.33
CA PHE D 147 -21.79 -16.55 -9.23
C PHE D 147 -22.49 -16.11 -10.49
N PRO D 148 -22.16 -16.74 -11.62
CA PRO D 148 -22.87 -16.39 -12.83
C PRO D 148 -24.35 -16.85 -12.61
N SER D 149 -25.28 -15.98 -12.96
CA SER D 149 -26.72 -16.32 -12.76
C SER D 149 -27.12 -16.63 -11.31
N GLY D 150 -26.23 -16.38 -10.37
CA GLY D 150 -26.62 -16.47 -8.97
C GLY D 150 -26.23 -17.70 -8.21
N LEU D 151 -25.72 -18.70 -8.92
CA LEU D 151 -25.30 -19.95 -8.32
C LEU D 151 -23.78 -20.01 -8.29
N PHE D 152 -23.22 -20.47 -7.18
CA PHE D 152 -21.77 -20.52 -7.04
C PHE D 152 -21.17 -21.45 -8.08
N GLN D 153 -20.21 -20.99 -8.84
CA GLN D 153 -19.58 -21.91 -9.78
C GLN D 153 -18.03 -21.78 -9.66
N GLY D 154 -17.57 -21.31 -8.50
CA GLY D 154 -16.15 -20.98 -8.34
C GLY D 154 -15.26 -22.20 -8.46
N ASP D 155 -15.76 -23.34 -8.01
CA ASP D 155 -15.00 -24.59 -8.05
C ASP D 155 -14.79 -25.10 -9.47
N THR D 156 -15.57 -24.60 -10.43
CA THR D 156 -15.32 -24.95 -11.84
C THR D 156 -14.91 -23.76 -12.70
N PHE D 157 -14.42 -22.70 -12.07
CA PHE D 157 -14.01 -21.52 -12.80
C PHE D 157 -12.90 -21.88 -13.78
N ARG D 158 -12.99 -21.40 -15.01
CA ARG D 158 -12.00 -21.73 -16.02
C ARG D 158 -11.04 -20.54 -16.22
N ILE D 159 -9.81 -20.74 -15.82
CA ILE D 159 -8.76 -19.73 -16.01
C ILE D 159 -8.40 -19.79 -17.49
N THR D 160 -8.25 -18.63 -18.10
CA THR D 160 -8.06 -18.49 -19.56
C THR D 160 -6.79 -19.09 -20.11
N LYS D 161 -5.63 -18.76 -19.53
CA LYS D 161 -4.35 -19.26 -19.98
C LYS D 161 -4.02 -20.63 -19.36
N ALA D 162 -3.79 -21.64 -20.22
CA ALA D 162 -3.64 -23.02 -19.76
C ALA D 162 -2.53 -23.25 -18.71
N ASP D 163 -1.39 -22.59 -18.89
CA ASP D 163 -0.30 -22.72 -17.96
C ASP D 163 -0.65 -22.12 -16.60
N ALA D 164 -1.45 -21.06 -16.61
CA ALA D 164 -1.88 -20.42 -15.39
C ALA D 164 -2.94 -21.27 -14.72
N ALA D 165 -3.87 -21.85 -15.52
CA ALA D 165 -4.85 -22.79 -14.94
C ALA D 165 -4.16 -23.97 -14.25
N GLU D 166 -3.12 -24.52 -14.90
CA GLU D 166 -2.33 -25.59 -14.33
C GLU D 166 -1.76 -25.17 -12.98
N PHE D 167 -1.14 -23.99 -12.93
CA PHE D 167 -0.54 -23.59 -11.69
C PHE D 167 -1.59 -23.52 -10.60
N TRP D 168 -2.76 -22.92 -10.88
CA TRP D 168 -3.74 -22.72 -9.79
C TRP D 168 -4.19 -24.09 -9.27
N ARG D 169 -4.46 -25.01 -10.18
CA ARG D 169 -4.88 -26.34 -9.81
C ARG D 169 -3.81 -27.03 -8.95
N LYS D 170 -2.55 -26.91 -9.34
CA LYS D 170 -1.48 -27.62 -8.59
C LYS D 170 -1.39 -27.06 -7.21
N ALA D 171 -1.37 -25.72 -7.11
CA ALA D 171 -1.20 -25.08 -5.84
C ALA D 171 -2.43 -25.10 -4.99
N PHE D 172 -3.62 -24.89 -5.56
CA PHE D 172 -4.77 -24.68 -4.73
C PHE D 172 -5.95 -25.56 -5.05
N GLY D 173 -5.75 -26.56 -5.94
CA GLY D 173 -6.82 -27.42 -6.32
C GLY D 173 -7.99 -26.64 -6.92
N GLU D 174 -9.18 -26.79 -6.33
CA GLU D 174 -10.38 -26.16 -6.87
C GLU D 174 -10.82 -24.95 -6.04
N LYS D 175 -9.97 -24.46 -5.13
CA LYS D 175 -10.28 -23.30 -4.30
C LYS D 175 -10.55 -22.11 -5.17
N THR D 176 -11.45 -21.30 -4.68
CA THR D 176 -11.85 -20.06 -5.36
C THR D 176 -11.07 -18.87 -4.76
N ILE D 177 -10.68 -18.97 -3.50
CA ILE D 177 -9.95 -17.86 -2.92
C ILE D 177 -8.85 -18.32 -1.99
N VAL D 178 -7.79 -17.54 -1.88
CA VAL D 178 -6.72 -17.89 -0.97
C VAL D 178 -6.14 -16.65 -0.38
N PRO D 179 -5.69 -16.71 0.91
CA PRO D 179 -5.06 -15.54 1.51
C PRO D 179 -3.79 -15.10 0.77
N TRP D 180 -3.49 -13.78 0.81
CA TRP D 180 -2.34 -13.30 0.08
C TRP D 180 -1.05 -14.05 0.42
N LYS D 181 -0.79 -14.24 1.73
CA LYS D 181 0.46 -14.83 2.14
C LYS D 181 0.64 -16.21 1.45
N SER D 182 -0.45 -16.99 1.48
CA SER D 182 -0.41 -18.32 0.91
C SER D 182 -0.22 -18.23 -0.65
N PHE D 183 -0.88 -17.26 -1.31
CA PHE D 183 -0.70 -17.05 -2.71
C PHE D 183 0.75 -16.75 -3.04
N ARG D 184 1.33 -15.79 -2.33
CA ARG D 184 2.70 -15.32 -2.57
C ARG D 184 3.66 -16.50 -2.40
N GLN D 185 3.46 -17.28 -1.35
CA GLN D 185 4.36 -18.42 -1.12
C GLN D 185 4.27 -19.42 -2.26
N ALA D 186 3.06 -19.75 -2.66
CA ALA D 186 2.89 -20.72 -3.74
C ALA D 186 3.49 -20.22 -5.03
N LEU D 187 3.25 -18.95 -5.37
CA LEU D 187 3.74 -18.41 -6.61
C LEU D 187 5.27 -18.37 -6.66
N HIS D 188 5.89 -18.01 -5.54
CA HIS D 188 7.34 -17.95 -5.45
C HIS D 188 8.05 -19.26 -5.87
N GLU D 189 7.41 -20.39 -5.58
CA GLU D 189 7.98 -21.67 -5.90
C GLU D 189 8.21 -21.86 -7.40
N VAL D 190 7.43 -21.13 -8.20
CA VAL D 190 7.48 -21.23 -9.64
C VAL D 190 8.00 -20.00 -10.33
N HIS D 191 7.73 -18.83 -9.79
CA HIS D 191 8.22 -17.57 -10.37
C HIS D 191 8.78 -16.79 -9.17
N PRO D 192 10.09 -16.91 -8.92
CA PRO D 192 10.70 -16.28 -7.73
C PRO D 192 10.38 -14.79 -7.64
N ILE D 193 10.05 -14.33 -6.43
CA ILE D 193 9.81 -12.92 -6.14
C ILE D 193 11.06 -12.43 -5.39
N SER D 194 11.68 -11.35 -5.84
CA SER D 194 12.97 -11.01 -5.30
C SER D 194 13.02 -10.29 -3.97
N SER D 195 11.96 -9.63 -3.56
CA SER D 195 12.03 -8.82 -2.36
C SER D 195 10.67 -8.54 -1.82
N GLY D 196 10.62 -8.05 -0.58
CA GLY D 196 9.33 -7.69 0.03
C GLY D 196 8.60 -6.60 -0.73
N LEU D 197 9.33 -5.59 -1.20
CA LEU D 197 8.65 -4.46 -1.79
C LEU D 197 8.14 -4.91 -3.17
N GLU D 198 8.83 -5.84 -3.83
CA GLU D 198 8.32 -6.46 -5.06
C GLU D 198 7.05 -7.23 -4.75
N ALA D 199 7.05 -8.02 -3.69
CA ALA D 199 5.78 -8.72 -3.31
C ALA D 199 4.65 -7.74 -3.09
N MET D 200 4.94 -6.60 -2.45
CA MET D 200 3.90 -5.61 -2.15
C MET D 200 3.40 -4.98 -3.41
N ALA D 201 4.30 -4.74 -4.38
CA ALA D 201 3.84 -4.16 -5.63
C ALA D 201 2.96 -5.18 -6.38
N LEU D 202 3.31 -6.46 -6.23
CA LEU D 202 2.56 -7.52 -6.91
C LEU D 202 1.19 -7.60 -6.30
N LYS D 203 1.12 -7.63 -4.98
CA LYS D 203 -0.15 -7.65 -4.33
C LYS D 203 -1.01 -6.49 -4.79
N SER D 204 -0.42 -5.30 -4.86
CA SER D 204 -1.15 -4.12 -5.26
C SER D 204 -1.81 -4.30 -6.63
N THR D 205 -1.07 -4.97 -7.50
CA THR D 205 -1.47 -5.12 -8.87
C THR D 205 -2.55 -6.18 -9.02
N ILE D 206 -2.36 -7.34 -8.42
CA ILE D 206 -3.30 -8.46 -8.61
C ILE D 206 -4.53 -8.42 -7.71
N ASP D 207 -4.43 -7.84 -6.52
CA ASP D 207 -5.56 -7.75 -5.56
C ASP D 207 -6.51 -6.61 -5.94
N LEU D 208 -7.30 -6.82 -7.00
CA LEU D 208 -8.18 -5.78 -7.52
C LEU D 208 -9.27 -5.41 -6.57
N THR D 209 -9.73 -6.35 -5.74
CA THR D 209 -10.81 -6.02 -4.79
C THR D 209 -10.25 -5.49 -3.50
N CYS D 210 -8.92 -5.44 -3.38
CA CYS D 210 -8.22 -4.84 -2.24
C CYS D 210 -8.67 -5.44 -0.94
N ASN D 211 -8.68 -6.77 -0.85
CA ASN D 211 -9.12 -7.40 0.40
C ASN D 211 -8.10 -8.35 0.96
N ASP D 212 -6.90 -8.39 0.38
CA ASP D 212 -5.82 -9.25 0.90
C ASP D 212 -6.07 -10.75 0.72
N TYR D 213 -6.93 -11.09 -0.25
CA TYR D 213 -7.13 -12.45 -0.69
C TYR D 213 -6.97 -12.38 -2.16
N ILE D 214 -6.59 -13.47 -2.78
CA ILE D 214 -6.50 -13.54 -4.24
C ILE D 214 -7.53 -14.56 -4.71
N SER D 215 -8.48 -14.13 -5.55
CA SER D 215 -9.42 -15.07 -6.08
C SER D 215 -8.94 -15.68 -7.36
N VAL D 216 -9.54 -16.80 -7.73
CA VAL D 216 -9.22 -17.44 -8.98
C VAL D 216 -9.53 -16.46 -10.15
N PHE D 217 -10.51 -15.57 -9.93
CA PHE D 217 -10.94 -14.58 -10.94
C PHE D 217 -9.85 -13.52 -11.05
N GLU D 218 -9.36 -13.02 -9.91
CA GLU D 218 -8.30 -12.01 -9.99
C GLU D 218 -7.08 -12.67 -10.61
N PHE D 219 -6.80 -13.93 -10.27
CA PHE D 219 -5.66 -14.64 -10.85
C PHE D 219 -5.80 -14.75 -12.37
N ASP D 220 -6.98 -15.07 -12.86
CA ASP D 220 -7.19 -15.14 -14.29
C ASP D 220 -6.91 -13.78 -14.89
N ILE D 221 -7.42 -12.73 -14.27
CA ILE D 221 -7.22 -11.34 -14.86
C ILE D 221 -5.73 -10.99 -14.93
N PHE D 222 -5.02 -11.19 -13.85
CA PHE D 222 -3.57 -10.86 -13.82
C PHE D 222 -2.80 -11.66 -14.87
N THR D 223 -3.08 -12.97 -14.99
CA THR D 223 -2.34 -13.82 -15.94
C THR D 223 -2.65 -13.55 -17.40
N ARG D 224 -3.80 -12.99 -17.69
CA ARG D 224 -4.08 -12.57 -19.09
C ARG D 224 -3.31 -11.26 -19.34
N LEU D 225 -3.39 -10.33 -18.39
CA LEU D 225 -2.77 -9.01 -18.58
C LEU D 225 -1.29 -9.16 -18.74
N PHE D 226 -0.67 -10.06 -17.98
CA PHE D 226 0.79 -10.18 -18.02
C PHE D 226 1.33 -11.46 -18.65
N GLN D 227 0.57 -12.03 -19.56
CA GLN D 227 1.01 -13.18 -20.32
C GLN D 227 2.24 -12.84 -21.13
N PRO D 228 3.07 -13.84 -21.51
CA PRO D 228 2.88 -15.27 -21.31
C PRO D 228 3.29 -15.76 -19.95
N TRP D 229 2.65 -16.83 -19.49
CA TRP D 229 2.97 -17.38 -18.18
C TRP D 229 4.47 -17.61 -17.95
N SER D 230 5.18 -18.11 -18.95
CA SER D 230 6.56 -18.55 -18.79
C SER D 230 7.46 -17.47 -18.22
N SER D 231 7.16 -16.19 -18.47
CA SER D 231 8.00 -15.11 -17.95
C SER D 231 7.16 -14.08 -17.18
N LEU D 232 6.13 -14.58 -16.53
CA LEU D 232 5.08 -13.80 -15.87
C LEU D 232 5.59 -12.55 -15.13
N LEU D 233 6.45 -12.73 -14.15
CA LEU D 233 6.89 -11.62 -13.32
C LEU D 233 7.88 -10.71 -14.02
N ARG D 234 8.63 -11.25 -14.96
CA ARG D 234 9.47 -10.41 -15.82
C ARG D 234 8.59 -9.55 -16.69
N ASN D 235 7.50 -10.08 -17.18
CA ASN D 235 6.58 -9.28 -17.96
C ASN D 235 6.03 -8.13 -17.11
N TRP D 236 5.50 -8.46 -15.95
CA TRP D 236 4.89 -7.54 -15.04
C TRP D 236 5.93 -6.54 -14.59
N ASN D 237 7.16 -6.97 -14.32
CA ASN D 237 8.18 -5.93 -14.03
C ASN D 237 8.40 -4.88 -15.14
N SER D 238 8.49 -5.34 -16.36
CA SER D 238 8.83 -4.49 -17.49
C SER D 238 7.64 -3.60 -17.88
N LEU D 239 6.43 -4.12 -17.74
CA LEU D 239 5.23 -3.41 -18.22
C LEU D 239 4.53 -2.58 -17.14
N ALA D 240 4.82 -2.82 -15.88
CA ALA D 240 4.15 -2.14 -14.81
C ALA D 240 5.08 -1.58 -13.76
N VAL D 241 5.92 -2.43 -13.18
CA VAL D 241 6.70 -2.01 -12.03
C VAL D 241 7.60 -0.80 -12.35
N THR D 242 8.27 -0.85 -13.49
CA THR D 242 9.26 0.15 -13.84
C THR D 242 8.83 0.90 -15.11
N HIS D 243 7.60 0.73 -15.57
CA HIS D 243 7.22 1.40 -16.84
C HIS D 243 6.47 2.71 -16.54
N PRO D 244 6.99 3.85 -16.98
CA PRO D 244 6.33 5.14 -16.73
C PRO D 244 4.93 5.24 -17.30
N GLY D 245 4.64 4.48 -18.33
CA GLY D 245 3.29 4.55 -18.95
C GLY D 245 2.19 3.86 -18.20
N TYR D 246 2.52 2.97 -17.26
CA TYR D 246 1.48 2.13 -16.62
C TYR D 246 0.78 2.94 -15.54
N MET D 247 -0.54 2.89 -15.54
CA MET D 247 -1.33 3.67 -14.57
C MET D 247 -2.21 2.79 -13.74
N ALA D 248 -1.74 2.41 -12.57
CA ALA D 248 -2.61 1.56 -11.66
C ALA D 248 -3.89 2.22 -11.24
N PHE D 249 -4.97 1.47 -11.24
CA PHE D 249 -6.30 1.98 -10.73
C PHE D 249 -6.67 3.35 -11.29
N LEU D 250 -6.52 3.53 -12.61
CA LEU D 250 -6.96 4.75 -13.30
C LEU D 250 -8.14 4.45 -14.20
N THR D 251 -9.01 5.42 -14.37
CA THR D 251 -10.21 5.23 -15.19
C THR D 251 -10.07 5.86 -16.57
N TYR D 252 -11.00 5.53 -17.46
CA TYR D 252 -11.10 6.13 -18.78
C TYR D 252 -11.06 7.64 -18.71
N ASP D 253 -11.92 8.25 -17.90
CA ASP D 253 -11.90 9.71 -17.78
C ASP D 253 -10.62 10.28 -17.21
N GLU D 254 -10.00 9.59 -16.28
CA GLU D 254 -8.76 10.08 -15.72
C GLU D 254 -7.66 10.08 -16.78
N VAL D 255 -7.65 9.05 -17.62
CA VAL D 255 -6.65 8.99 -18.68
C VAL D 255 -6.79 10.16 -19.62
N LYS D 256 -8.02 10.47 -20.00
CA LYS D 256 -8.22 11.61 -20.94
C LYS D 256 -7.77 12.89 -20.27
N ALA D 257 -8.09 13.06 -18.98
CA ALA D 257 -7.61 14.23 -18.24
C ALA D 257 -6.11 14.26 -18.11
N ARG D 258 -5.48 13.12 -17.85
CA ARG D 258 -4.01 13.14 -17.64
C ARG D 258 -3.25 13.43 -18.93
N LEU D 259 -3.76 12.96 -20.06
CA LEU D 259 -3.08 13.22 -21.36
C LEU D 259 -3.33 14.61 -21.88
N GLN D 260 -4.32 15.30 -21.35
CA GLN D 260 -4.60 16.69 -21.80
C GLN D 260 -3.40 17.61 -21.68
N LYS D 261 -2.53 17.43 -20.68
CA LYS D 261 -1.33 18.26 -20.56
C LYS D 261 -0.35 18.07 -21.67
N PHE D 262 -0.43 16.95 -22.38
CA PHE D 262 0.42 16.66 -23.52
C PHE D 262 -0.32 16.74 -24.81
N ILE D 263 -1.38 17.55 -24.84
CA ILE D 263 -2.17 17.57 -26.10
C ILE D 263 -1.34 18.06 -27.32
N HIS D 264 -0.29 18.85 -27.09
CA HIS D 264 0.54 19.30 -28.17
C HIS D 264 1.73 18.41 -28.38
N LYS D 265 1.75 17.24 -27.76
CA LYS D 265 2.92 16.34 -27.90
C LYS D 265 2.41 14.97 -28.36
N PRO D 266 2.12 14.85 -29.65
CA PRO D 266 1.61 13.60 -30.23
C PRO D 266 2.58 12.45 -29.93
N GLY D 267 2.01 11.30 -29.67
CA GLY D 267 2.77 10.15 -29.29
C GLY D 267 2.86 9.98 -27.79
N SER D 268 2.40 10.95 -27.03
CA SER D 268 2.35 10.79 -25.54
C SER D 268 1.24 9.76 -25.24
N TYR D 269 1.51 8.83 -24.35
CA TYR D 269 0.61 7.68 -24.11
C TYR D 269 0.67 7.13 -22.74
N ILE D 270 -0.39 6.46 -22.30
CA ILE D 270 -0.35 5.78 -21.02
C ILE D 270 -1.27 4.56 -21.16
N PHE D 271 -1.21 3.61 -20.22
CA PHE D 271 -2.06 2.43 -20.37
C PHE D 271 -2.44 1.86 -19.03
N ARG D 272 -3.53 1.12 -18.99
CA ARG D 272 -4.14 0.76 -17.70
C ARG D 272 -5.07 -0.41 -17.94
N LEU D 273 -5.56 -1.04 -16.86
CA LEU D 273 -6.57 -2.06 -17.04
C LEU D 273 -7.88 -1.41 -17.51
N SER D 274 -8.48 -1.96 -18.55
CA SER D 274 -9.85 -1.61 -18.92
C SER D 274 -10.75 -2.07 -17.80
N CYS D 275 -11.74 -1.27 -17.38
CA CYS D 275 -12.62 -1.75 -16.28
C CYS D 275 -13.84 -2.45 -16.81
N THR D 276 -14.22 -2.20 -18.05
CA THR D 276 -15.40 -2.90 -18.60
C THR D 276 -15.04 -4.22 -19.25
N ARG D 277 -13.79 -4.40 -19.63
CA ARG D 277 -13.27 -5.64 -20.22
C ARG D 277 -12.10 -6.07 -19.38
N LEU D 278 -12.38 -6.48 -18.17
CA LEU D 278 -11.35 -6.91 -17.23
C LEU D 278 -10.48 -8.02 -17.77
N GLY D 279 -9.18 -7.84 -17.65
CA GLY D 279 -8.23 -8.75 -18.21
C GLY D 279 -7.61 -8.23 -19.47
N GLN D 280 -8.16 -7.14 -19.98
CA GLN D 280 -7.59 -6.49 -21.23
C GLN D 280 -7.05 -5.11 -20.91
N TRP D 281 -6.15 -4.65 -21.76
CA TRP D 281 -5.47 -3.34 -21.56
C TRP D 281 -6.15 -2.24 -22.38
N ALA D 282 -6.27 -1.05 -21.81
CA ALA D 282 -6.70 0.13 -22.54
C ALA D 282 -5.55 1.07 -22.69
N ILE D 283 -5.17 1.41 -23.93
CA ILE D 283 -4.01 2.28 -24.13
C ILE D 283 -4.52 3.61 -24.67
N GLY D 284 -4.16 4.70 -24.02
CA GLY D 284 -4.60 6.00 -24.49
C GLY D 284 -3.43 6.78 -25.08
N TYR D 285 -3.66 7.56 -26.12
CA TYR D 285 -2.56 8.31 -26.66
C TYR D 285 -2.98 9.58 -27.38
N VAL D 286 -2.03 10.50 -27.57
CA VAL D 286 -2.34 11.78 -28.24
C VAL D 286 -2.03 11.66 -29.73
N THR D 287 -3.02 11.94 -30.55
CA THR D 287 -2.83 11.84 -32.02
C THR D 287 -2.18 13.09 -32.57
N ALA D 288 -1.79 13.06 -33.83
CA ALA D 288 -1.22 14.25 -34.47
C ALA D 288 -2.22 15.42 -34.55
N ASP D 289 -3.50 15.12 -34.77
CA ASP D 289 -4.53 16.18 -34.81
C ASP D 289 -5.13 16.56 -33.43
N GLY D 290 -4.42 16.19 -32.38
CA GLY D 290 -4.83 16.55 -31.01
C GLY D 290 -6.09 16.00 -30.41
N ASN D 291 -6.35 14.73 -30.70
CA ASN D 291 -7.37 13.98 -30.05
C ASN D 291 -6.65 13.00 -29.10
N ILE D 292 -7.36 12.59 -28.07
CA ILE D 292 -6.90 11.59 -27.17
C ILE D 292 -7.74 10.37 -27.44
N LEU D 293 -7.13 9.30 -27.96
CA LEU D 293 -7.91 8.12 -28.28
C LEU D 293 -7.54 7.04 -27.29
N GLN D 294 -8.47 6.12 -27.04
CA GLN D 294 -8.14 4.96 -26.19
C GLN D 294 -8.54 3.73 -26.96
N THR D 295 -7.70 2.72 -26.96
CA THR D 295 -7.95 1.49 -27.71
C THR D 295 -7.65 0.26 -26.85
N ILE D 296 -8.36 -0.85 -27.09
CA ILE D 296 -8.08 -2.10 -26.43
C ILE D 296 -7.49 -3.05 -27.51
N PRO D 297 -6.27 -3.51 -27.38
CA PRO D 297 -5.66 -4.30 -28.47
C PRO D 297 -6.50 -5.54 -28.77
N HIS D 298 -6.61 -5.91 -30.05
CA HIS D 298 -7.43 -7.03 -30.44
C HIS D 298 -6.48 -8.22 -30.58
N ASN D 299 -6.61 -9.22 -29.72
CA ASN D 299 -5.80 -10.44 -29.81
C ASN D 299 -4.33 -10.20 -29.96
N LYS D 300 -3.75 -9.27 -29.22
CA LYS D 300 -2.30 -9.17 -29.19
C LYS D 300 -1.90 -8.78 -27.79
N PRO D 301 -0.93 -9.50 -27.22
CA PRO D 301 -0.39 -9.13 -25.90
C PRO D 301 0.20 -7.73 -25.90
N LEU D 302 0.33 -7.21 -24.70
CA LEU D 302 0.67 -5.81 -24.56
C LEU D 302 2.05 -5.50 -25.12
N PHE D 303 3.05 -6.41 -24.96
CA PHE D 303 4.40 -6.11 -25.51
C PHE D 303 4.25 -5.76 -26.98
N GLN D 304 3.48 -6.57 -27.70
CA GLN D 304 3.43 -6.40 -29.14
C GLN D 304 2.66 -5.13 -29.49
N ALA D 305 1.55 -4.85 -28.82
CA ALA D 305 0.78 -3.65 -29.06
C ALA D 305 1.71 -2.45 -28.86
N LEU D 306 2.53 -2.47 -27.81
CA LEU D 306 3.39 -1.33 -27.54
C LEU D 306 4.47 -1.13 -28.61
N ILE D 307 5.08 -2.22 -29.01
CA ILE D 307 6.16 -2.17 -30.01
C ILE D 307 5.60 -1.70 -31.31
N ASP D 308 4.47 -2.28 -31.69
CA ASP D 308 3.78 -1.86 -32.92
C ASP D 308 3.44 -0.36 -32.91
N GLY D 309 2.88 0.14 -31.80
CA GLY D 309 2.46 1.51 -31.69
C GLY D 309 3.64 2.44 -31.52
N PHE D 310 4.72 1.94 -30.94
CA PHE D 310 5.98 2.73 -30.89
C PHE D 310 6.47 2.96 -32.33
N ARG D 311 6.58 1.91 -33.14
CA ARG D 311 7.08 2.10 -34.50
C ARG D 311 6.16 3.03 -35.29
N GLU D 312 4.85 2.87 -35.11
CA GLU D 312 3.89 3.75 -35.80
C GLU D 312 4.06 5.20 -35.41
N GLY D 313 4.46 5.46 -34.18
CA GLY D 313 4.61 6.82 -33.67
C GLY D 313 3.47 7.20 -32.70
N PHE D 314 2.60 6.23 -32.39
CA PHE D 314 1.49 6.48 -31.47
C PHE D 314 1.94 6.41 -30.04
N TYR D 315 2.84 5.47 -29.72
CA TYR D 315 3.24 5.29 -28.31
C TYR D 315 4.72 5.56 -28.16
N LEU D 316 5.08 6.83 -28.09
CA LEU D 316 6.46 7.27 -28.03
C LEU D 316 6.89 7.77 -26.66
N PHE D 317 5.99 8.51 -25.99
CA PHE D 317 6.36 9.21 -24.77
C PHE D 317 5.44 8.80 -23.64
N PRO D 318 5.89 7.88 -22.82
CA PRO D 318 5.06 7.29 -21.80
C PRO D 318 4.77 8.31 -20.71
N ASP D 319 3.50 8.57 -20.41
CA ASP D 319 3.13 9.67 -19.54
C ASP D 319 3.86 10.93 -19.95
N GLY D 320 4.03 11.13 -21.23
CA GLY D 320 4.63 12.38 -21.77
C GLY D 320 6.10 12.51 -21.57
N ARG D 321 6.74 11.48 -21.03
CA ARG D 321 8.17 11.55 -20.80
C ARG D 321 9.01 11.21 -22.05
N ASN D 322 10.22 11.80 -22.14
CA ASN D 322 11.05 11.61 -23.34
C ASN D 322 11.72 10.24 -23.52
N GLN D 323 12.05 9.57 -22.41
CA GLN D 323 12.60 8.22 -22.48
C GLN D 323 11.49 7.14 -22.49
N ASN D 324 11.55 6.24 -23.45
CA ASN D 324 10.60 5.15 -23.51
C ASN D 324 11.31 3.82 -23.29
N PRO D 325 10.79 2.99 -22.39
CA PRO D 325 11.42 1.71 -22.14
C PRO D 325 11.53 0.88 -23.39
N ASP D 326 12.68 0.25 -23.59
CA ASP D 326 12.93 -0.46 -24.83
C ASP D 326 12.46 -1.89 -24.59
N LEU D 327 11.31 -2.25 -25.14
CA LEU D 327 10.90 -3.63 -24.98
C LEU D 327 11.07 -4.33 -26.35
CA CA E . 4.05 10.63 7.28
CL CL F . 17.63 -18.37 -3.81
CL CL G . 3.01 -7.34 5.99
CL CL H . 34.00 7.95 16.25
CA CA I . -8.76 -9.71 -3.74
CL CL J . -3.16 6.99 -5.82
#